data_4GL6
#
_entry.id   4GL6
#
_cell.length_a   148.653
_cell.length_b   84.139
_cell.length_c   53.031
_cell.angle_alpha   90.000
_cell.angle_beta   98.310
_cell.angle_gamma   90.000
#
_symmetry.space_group_name_H-M   'C 1 2 1'
#
loop_
_entity.id
_entity.type
_entity.pdbx_description
1 polymer 'hypothetical protein'
2 non-polymer GLYCEROL
3 water water
#
_entity_poly.entity_id   1
_entity_poly.type   'polypeptide(L)'
_entity_poly.pdbx_seq_one_letter_code
;GHENEISIKIETYLQEEYGEEFEVLSWNQPKLLPSDNGAIYATCISKNDPKHPFEGSYFNPEEPNSEIEIIYDGYGQRLL
AKQ(MSE)ES(MSE)IEEAISQAAENYYIQGDIIIPEEWQDIPVEEISQWKNYVDLCNQSNSDYKTLGSAWVYIDAST
(MSE)KGKTDEEEYQ(MSE)YEEVYRDKLGGQALLYVYYLDHKSFEKAEKILEIFTSGDEGSNFEDIIEGQPYFGTI
(MSE)RYGSDKFDDNLEIFKAAKQGKEQEKYQ
;
_entity_poly.pdbx_strand_id   A,B
#
loop_
_chem_comp.id
_chem_comp.type
_chem_comp.name
_chem_comp.formula
GOL non-polymer GLYCEROL 'C3 H8 O3'
#
# COMPACT_ATOMS: atom_id res chain seq x y z
N GLU A 5 31.50 4.04 -17.46
CA GLU A 5 30.07 4.28 -17.72
C GLU A 5 29.25 3.54 -16.66
N ILE A 6 28.19 4.20 -16.21
CA ILE A 6 27.32 3.67 -15.16
C ILE A 6 26.62 2.37 -15.52
N SER A 7 26.25 2.23 -16.78
CA SER A 7 25.57 1.02 -17.26
C SER A 7 26.48 -0.21 -17.17
N ILE A 8 27.74 -0.04 -17.56
CA ILE A 8 28.72 -1.13 -17.53
C ILE A 8 29.00 -1.54 -16.09
N LYS A 9 29.03 -0.58 -15.15
CA LYS A 9 29.25 -0.89 -13.74
C LYS A 9 28.11 -1.78 -13.19
N ILE A 10 26.87 -1.42 -13.53
CA ILE A 10 25.68 -2.15 -13.09
C ILE A 10 25.63 -3.53 -13.73
N GLU A 11 25.85 -3.59 -15.05
CA GLU A 11 25.89 -4.87 -15.79
C GLU A 11 26.97 -5.82 -15.20
N THR A 12 28.15 -5.27 -14.91
CA THR A 12 29.25 -6.06 -14.34
C THR A 12 28.91 -6.61 -12.96
N TYR A 13 28.28 -5.78 -12.13
CA TYR A 13 27.86 -6.21 -10.80
C TYR A 13 26.85 -7.38 -10.87
N LEU A 14 25.77 -7.19 -11.63
CA LEU A 14 24.69 -8.19 -11.76
C LEU A 14 25.21 -9.53 -12.26
N GLN A 15 26.10 -9.50 -13.26
CA GLN A 15 26.71 -10.72 -13.79
C GLN A 15 27.57 -11.42 -12.74
N GLU A 16 28.44 -10.66 -12.06
CA GLU A 16 29.27 -11.19 -10.98
C GLU A 16 28.43 -11.72 -9.81
N GLU A 17 27.32 -11.06 -9.49
CA GLU A 17 26.47 -11.47 -8.37
C GLU A 17 25.57 -12.68 -8.67
N TYR A 18 25.12 -12.85 -9.92
CA TYR A 18 24.12 -13.89 -10.25
C TYR A 18 24.44 -14.94 -11.34
N GLY A 19 25.59 -14.87 -12.01
CA GLY A 19 25.99 -15.90 -13.01
C GLY A 19 25.59 -15.67 -14.47
N GLU A 20 24.39 -15.16 -14.70
CA GLU A 20 23.88 -14.83 -16.05
C GLU A 20 24.41 -13.48 -16.47
N GLU A 21 24.19 -13.12 -17.74
CA GLU A 21 24.54 -11.78 -18.22
C GLU A 21 23.25 -10.95 -18.34
N PHE A 22 23.43 -9.64 -18.13
CA PHE A 22 22.35 -8.67 -18.08
C PHE A 22 22.66 -7.47 -18.95
N GLU A 23 21.62 -6.67 -19.20
CA GLU A 23 21.72 -5.44 -19.97
C GLU A 23 20.91 -4.38 -19.22
N VAL A 24 21.48 -3.19 -19.08
CA VAL A 24 20.79 -2.03 -18.52
C VAL A 24 20.20 -1.37 -19.75
N LEU A 25 18.88 -1.41 -19.89
CA LEU A 25 18.20 -0.77 -21.04
C LEU A 25 18.27 0.75 -20.94
N SER A 26 18.12 1.28 -19.74
CA SER A 26 18.21 2.73 -19.50
C SER A 26 18.31 3.00 -18.00
N TRP A 27 18.68 4.23 -17.68
CA TRP A 27 18.72 4.65 -16.30
C TRP A 27 18.45 6.09 -16.14
N ASN A 28 17.97 6.37 -14.93
CA ASN A 28 17.41 7.62 -14.56
C ASN A 28 18.03 8.10 -13.22
N GLN A 29 18.37 9.39 -13.13
CA GLN A 29 18.95 9.96 -11.90
C GLN A 29 18.30 11.30 -11.62
N PRO A 30 17.12 11.30 -10.99
CA PRO A 30 16.44 12.58 -10.69
C PRO A 30 17.33 13.43 -9.80
N LYS A 31 17.30 14.73 -10.04
CA LYS A 31 18.26 15.67 -9.44
C LYS A 31 17.94 16.98 -10.09
N LEU A 32 18.00 18.07 -9.33
CA LEU A 32 17.69 19.39 -9.87
C LEU A 32 18.97 20.01 -10.46
N LEU A 33 20.12 19.75 -9.86
CA LEU A 33 21.43 20.25 -10.33
C LEU A 33 22.33 19.08 -10.77
N PRO A 34 23.21 19.26 -11.82
CA PRO A 34 24.13 18.13 -12.19
C PRO A 34 25.08 17.74 -11.03
N SER A 35 25.39 18.72 -10.18
CA SER A 35 26.13 18.55 -8.93
C SER A 35 25.56 17.52 -7.94
N ASP A 36 24.24 17.31 -7.92
CA ASP A 36 23.62 16.36 -6.97
C ASP A 36 23.95 14.96 -7.46
N ASN A 37 24.24 14.06 -6.52
CA ASN A 37 24.56 12.69 -6.84
C ASN A 37 23.55 11.78 -6.11
N GLY A 38 22.29 11.98 -6.45
CA GLY A 38 21.21 11.15 -5.91
C GLY A 38 21.22 9.71 -6.41
N ALA A 39 20.24 8.95 -5.95
CA ALA A 39 20.08 7.55 -6.34
C ALA A 39 19.90 7.40 -7.87
N ILE A 40 20.46 6.32 -8.42
CA ILE A 40 20.34 5.97 -9.83
C ILE A 40 19.34 4.83 -9.92
N TYR A 41 18.28 5.05 -10.71
CA TYR A 41 17.22 4.06 -10.95
C TYR A 41 17.41 3.48 -12.36
N ALA A 42 17.80 2.21 -12.43
CA ALA A 42 18.15 1.51 -13.66
C ALA A 42 17.11 0.46 -14.08
N THR A 43 16.64 0.52 -15.35
CA THR A 43 15.74 -0.49 -15.92
C THR A 43 16.64 -1.55 -16.54
N CYS A 44 16.60 -2.76 -15.99
CA CYS A 44 17.49 -3.86 -16.39
C CYS A 44 16.74 -5.08 -16.93
N ILE A 45 17.42 -5.90 -17.72
CA ILE A 45 16.92 -7.21 -18.18
C ILE A 45 18.04 -8.24 -18.07
N SER A 46 17.67 -9.51 -17.93
CA SER A 46 18.62 -10.61 -18.01
C SER A 46 18.50 -11.04 -19.48
N LYS A 47 19.61 -11.41 -20.12
CA LYS A 47 19.57 -11.84 -21.53
C LYS A 47 18.64 -13.05 -21.69
N ASN A 48 18.57 -13.90 -20.66
CA ASN A 48 17.67 -15.06 -20.67
C ASN A 48 16.19 -14.76 -20.52
N ASP A 49 15.81 -13.58 -20.06
CA ASP A 49 14.39 -13.15 -19.92
C ASP A 49 14.28 -11.71 -20.45
N PRO A 50 14.70 -11.51 -21.70
CA PRO A 50 14.83 -10.17 -22.25
C PRO A 50 13.58 -9.32 -22.44
N LYS A 51 12.39 -9.91 -22.43
CA LYS A 51 11.16 -9.14 -22.64
C LYS A 51 10.57 -8.53 -21.36
N HIS A 52 11.07 -8.90 -20.17
CA HIS A 52 10.53 -8.43 -18.87
C HIS A 52 11.48 -7.68 -17.99
N PRO A 53 11.52 -6.35 -18.14
CA PRO A 53 12.49 -5.58 -17.37
C PRO A 53 12.18 -5.44 -15.88
N PHE A 54 13.22 -5.10 -15.11
CA PHE A 54 13.09 -4.86 -13.67
C PHE A 54 13.95 -3.68 -13.25
N GLU A 55 13.51 -2.97 -12.21
CA GLU A 55 14.20 -1.78 -11.73
C GLU A 55 15.12 -2.11 -10.56
N GLY A 56 16.26 -1.44 -10.54
CA GLY A 56 17.28 -1.55 -9.49
C GLY A 56 17.69 -0.14 -9.07
N SER A 57 18.13 -0.02 -7.83
CA SER A 57 18.47 1.25 -7.22
C SER A 57 19.97 1.21 -6.86
N TYR A 58 20.77 2.16 -7.38
CA TYR A 58 22.24 2.22 -7.17
C TYR A 58 22.74 3.63 -6.80
N PHE A 59 23.95 3.70 -6.26
CA PHE A 59 24.65 4.96 -5.94
C PHE A 59 26.04 4.84 -6.55
N ASN A 60 26.47 5.89 -7.27
CA ASN A 60 27.76 5.92 -7.94
C ASN A 60 28.63 7.00 -7.28
N PRO A 61 29.70 6.59 -6.53
CA PRO A 61 30.52 7.61 -5.83
C PRO A 61 31.21 8.64 -6.73
N GLU A 62 31.55 9.80 -6.14
CA GLU A 62 32.14 10.96 -6.83
C GLU A 62 33.46 10.70 -7.59
N GLU A 63 34.54 10.37 -6.86
CA GLU A 63 35.92 10.12 -7.42
C GLU A 63 35.98 9.04 -8.55
N PRO A 64 37.07 9.03 -9.38
CA PRO A 64 37.11 8.16 -10.57
C PRO A 64 37.34 6.67 -10.31
N ASN A 65 36.86 5.84 -11.24
CA ASN A 65 36.95 4.36 -11.17
C ASN A 65 36.33 3.76 -9.90
N SER A 66 35.30 4.43 -9.39
CA SER A 66 34.61 4.03 -8.15
C SER A 66 33.77 2.81 -8.40
N GLU A 67 33.75 1.88 -7.44
CA GLU A 67 32.91 0.69 -7.55
C GLU A 67 31.50 1.11 -7.17
N ILE A 68 30.55 0.69 -8.00
CA ILE A 68 29.14 1.06 -7.83
C ILE A 68 28.60 0.46 -6.51
N GLU A 69 27.80 1.23 -5.78
CA GLU A 69 27.16 0.78 -4.54
C GLU A 69 25.70 0.42 -4.84
N ILE A 70 25.17 -0.58 -4.12
CA ILE A 70 23.84 -1.11 -4.35
C ILE A 70 22.90 -0.65 -3.25
N ILE A 71 21.84 0.06 -3.61
CA ILE A 71 20.80 0.43 -2.64
C ILE A 71 19.94 -0.85 -2.56
N TYR A 72 19.37 -1.25 -3.71
CA TYR A 72 18.66 -2.54 -3.85
C TYR A 72 18.63 -2.92 -5.32
N ASP A 73 19.31 -4.02 -5.70
CA ASP A 73 19.43 -4.44 -7.11
C ASP A 73 18.16 -4.84 -7.86
N GLY A 74 17.13 -5.16 -7.09
CA GLY A 74 15.82 -5.52 -7.61
C GLY A 74 15.68 -6.89 -8.22
N TYR A 75 16.71 -7.74 -8.14
CA TYR A 75 16.68 -9.03 -8.82
C TYR A 75 15.85 -10.07 -8.12
N GLY A 76 15.90 -10.11 -6.79
CA GLY A 76 15.07 -11.05 -6.01
C GLY A 76 13.60 -10.79 -6.29
N GLN A 77 13.30 -9.50 -6.29
CA GLN A 77 12.00 -8.98 -6.64
C GLN A 77 11.55 -9.46 -8.03
N ARG A 78 12.45 -9.39 -9.01
CA ARG A 78 12.17 -9.83 -10.39
C ARG A 78 11.86 -11.31 -10.47
N LEU A 79 12.62 -12.12 -9.76
CA LEU A 79 12.40 -13.56 -9.73
C LEU A 79 11.01 -13.89 -9.16
N LEU A 80 10.55 -13.12 -8.17
CA LEU A 80 9.20 -13.29 -7.60
C LEU A 80 8.14 -12.89 -8.66
N ALA A 81 8.37 -11.78 -9.36
CA ALA A 81 7.50 -11.35 -10.48
C ALA A 81 7.43 -12.40 -11.57
N LYS A 82 8.58 -12.99 -11.94
CA LYS A 82 8.64 -14.05 -12.97
C LYS A 82 7.69 -15.22 -12.61
N GLN A 83 7.68 -15.59 -11.35
CA GLN A 83 6.81 -16.67 -10.85
C GLN A 83 5.34 -16.27 -10.88
N MSE A 84 5.04 -15.04 -10.50
CA MSE A 84 3.65 -14.52 -10.52
C MSE A 84 3.12 -14.54 -11.97
O MSE A 84 2.02 -15.02 -12.24
CB MSE A 84 3.56 -13.13 -9.88
CG MSE A 84 2.14 -12.72 -9.50
SE MSE A 84 1.99 -10.85 -9.13
CE MSE A 84 0.12 -10.69 -8.60
N GLU A 85 3.94 -14.04 -12.89
CA GLU A 85 3.66 -14.05 -14.32
C GLU A 85 3.40 -15.46 -14.83
N SER A 86 4.27 -16.39 -14.44
CA SER A 86 4.16 -17.77 -14.87
C SER A 86 2.82 -18.42 -14.44
N MSE A 87 2.47 -18.26 -13.17
CA MSE A 87 1.21 -18.79 -12.61
C MSE A 87 -0.05 -18.18 -13.27
O MSE A 87 -1.04 -18.88 -13.49
CB MSE A 87 1.19 -18.63 -11.08
CG MSE A 87 2.17 -19.53 -10.33
SE MSE A 87 2.25 -19.18 -8.35
CE MSE A 87 3.67 -17.85 -8.28
N ILE A 88 0.01 -16.89 -13.59
CA ILE A 88 -1.09 -16.26 -14.30
C ILE A 88 -1.13 -16.75 -15.77
N GLU A 89 0.05 -16.89 -16.40
CA GLU A 89 0.14 -17.35 -17.79
C GLU A 89 -0.51 -18.72 -18.01
N GLU A 90 -0.46 -19.60 -17.02
CA GLU A 90 -1.17 -20.89 -17.08
C GLU A 90 -2.66 -20.73 -17.41
N ALA A 91 -3.27 -19.63 -16.95
CA ALA A 91 -4.67 -19.29 -17.27
C ALA A 91 -4.78 -18.44 -18.54
N ILE A 92 -3.95 -17.39 -18.63
CA ILE A 92 -4.00 -16.45 -19.76
C ILE A 92 -3.68 -17.10 -21.11
N SER A 93 -2.72 -18.04 -21.12
CA SER A 93 -2.35 -18.75 -22.37
C SER A 93 -3.44 -19.61 -22.97
N GLN A 94 -4.41 -20.01 -22.13
CA GLN A 94 -5.58 -20.78 -22.58
CA GLN A 94 -5.58 -20.78 -22.58
C GLN A 94 -6.71 -19.86 -23.06
N ALA A 95 -6.69 -18.58 -22.63
CA ALA A 95 -7.69 -17.57 -22.99
C ALA A 95 -7.38 -16.77 -24.28
N ALA A 96 -6.11 -16.48 -24.53
CA ALA A 96 -5.65 -15.72 -25.74
C ALA A 96 -4.28 -16.18 -26.27
N GLU A 97 -3.94 -15.80 -27.50
CA GLU A 97 -2.64 -16.18 -28.13
C GLU A 97 -1.55 -15.16 -27.84
N ASN A 98 -1.87 -13.88 -28.09
CA ASN A 98 -0.95 -12.74 -27.84
C ASN A 98 -1.35 -11.97 -26.60
N TYR A 99 -0.35 -11.70 -25.76
CA TYR A 99 -0.56 -11.04 -24.49
C TYR A 99 0.76 -10.67 -23.84
N TYR A 100 0.70 -9.82 -22.83
CA TYR A 100 1.87 -9.46 -22.05
C TYR A 100 1.42 -9.46 -20.59
N ILE A 101 2.08 -10.27 -19.76
CA ILE A 101 1.77 -10.37 -18.34
C ILE A 101 2.89 -9.67 -17.60
N GLN A 102 2.55 -8.59 -16.90
CA GLN A 102 3.53 -7.80 -16.14
C GLN A 102 3.30 -7.95 -14.63
N GLY A 103 4.24 -8.60 -13.95
CA GLY A 103 4.17 -8.78 -12.50
C GLY A 103 4.72 -7.54 -11.81
N ASP A 104 4.03 -7.08 -10.76
CA ASP A 104 4.38 -5.88 -10.01
C ASP A 104 4.45 -6.23 -8.52
N ILE A 105 5.62 -6.76 -8.12
CA ILE A 105 5.92 -7.16 -6.76
C ILE A 105 7.01 -6.24 -6.22
N ILE A 106 6.75 -5.57 -5.10
CA ILE A 106 7.68 -4.64 -4.45
C ILE A 106 8.08 -5.16 -3.07
N ILE A 107 9.37 -5.47 -2.91
CA ILE A 107 9.96 -5.94 -1.65
C ILE A 107 10.33 -4.71 -0.82
N PRO A 108 9.77 -4.56 0.39
CA PRO A 108 10.09 -3.39 1.24
C PRO A 108 11.50 -3.41 1.85
N GLU A 109 11.98 -2.22 2.24
CA GLU A 109 13.33 -2.02 2.81
C GLU A 109 13.73 -3.11 3.80
N GLU A 110 12.81 -3.42 4.72
CA GLU A 110 13.00 -4.43 5.77
C GLU A 110 13.50 -5.79 5.26
N TRP A 111 13.01 -6.22 4.08
CA TRP A 111 13.37 -7.53 3.50
C TRP A 111 14.47 -7.54 2.47
N GLN A 112 14.96 -6.37 2.06
CA GLN A 112 16.00 -6.27 1.04
C GLN A 112 17.31 -6.98 1.39
N ASP A 113 17.63 -7.06 2.68
CA ASP A 113 18.81 -7.79 3.14
C ASP A 113 18.68 -9.31 3.03
N ILE A 114 17.46 -9.85 2.94
CA ILE A 114 17.26 -11.32 2.89
C ILE A 114 17.96 -11.88 1.64
N PRO A 115 18.73 -12.98 1.77
CA PRO A 115 19.40 -13.55 0.60
C PRO A 115 18.43 -13.90 -0.53
N VAL A 116 18.87 -13.68 -1.77
CA VAL A 116 18.03 -13.94 -2.95
C VAL A 116 17.59 -15.43 -3.01
N GLU A 117 18.51 -16.36 -2.69
CA GLU A 117 18.19 -17.82 -2.64
C GLU A 117 17.02 -18.10 -1.69
N GLU A 118 16.86 -17.31 -0.61
CA GLU A 118 15.76 -17.47 0.36
C GLU A 118 14.47 -16.77 -0.08
N ILE A 119 14.56 -15.46 -0.36
CA ILE A 119 13.37 -14.61 -0.67
C ILE A 119 12.66 -14.96 -1.98
N SER A 120 13.43 -15.41 -2.97
CA SER A 120 12.90 -15.74 -4.30
C SER A 120 12.01 -16.99 -4.35
N GLN A 121 12.02 -17.82 -3.32
CA GLN A 121 11.09 -18.95 -3.25
C GLN A 121 9.71 -18.41 -2.84
N TRP A 122 8.73 -18.63 -3.71
CA TRP A 122 7.37 -18.14 -3.49
C TRP A 122 6.81 -18.49 -2.13
N LYS A 123 7.00 -19.75 -1.71
CA LYS A 123 6.53 -20.20 -0.39
C LYS A 123 7.04 -19.32 0.78
N ASN A 124 8.31 -18.90 0.74
CA ASN A 124 8.91 -18.05 1.78
C ASN A 124 8.38 -16.66 1.74
N TYR A 125 8.14 -16.17 0.53
CA TYR A 125 7.62 -14.83 0.32
C TYR A 125 6.21 -14.71 0.88
N VAL A 126 5.37 -15.69 0.57
CA VAL A 126 3.99 -15.77 1.09
C VAL A 126 3.98 -15.83 2.61
N ASP A 127 4.89 -16.62 3.18
CA ASP A 127 5.03 -16.73 4.63
C ASP A 127 5.37 -15.36 5.24
N LEU A 128 6.30 -14.65 4.62
CA LEU A 128 6.67 -13.31 5.07
C LEU A 128 5.48 -12.35 4.99
N CYS A 129 4.73 -12.41 3.89
CA CYS A 129 3.58 -11.51 3.69
C CYS A 129 2.41 -11.75 4.62
N ASN A 130 2.09 -13.03 4.85
CA ASN A 130 0.90 -13.42 5.63
C ASN A 130 1.16 -13.59 7.14
N GLN A 131 1.36 -12.50 7.88
CA GLN A 131 1.60 -12.61 9.34
C GLN A 131 0.33 -12.84 10.18
N SER A 132 -0.76 -12.14 9.85
CA SER A 132 -2.04 -12.26 10.60
C SER A 132 -3.15 -11.59 9.85
N ASN A 133 -4.39 -11.71 10.35
CA ASN A 133 -5.54 -11.03 9.70
C ASN A 133 -5.48 -9.50 9.74
N SER A 134 -4.67 -8.95 10.65
CA SER A 134 -4.36 -7.51 10.77
C SER A 134 -3.00 -7.05 10.18
N ASP A 135 -2.03 -7.96 10.11
CA ASP A 135 -0.67 -7.69 9.64
C ASP A 135 -0.38 -8.54 8.41
N TYR A 136 -0.59 -7.95 7.24
CA TYR A 136 -0.35 -8.63 5.99
C TYR A 136 0.14 -7.62 4.94
N LYS A 137 0.74 -8.15 3.90
CA LYS A 137 1.26 -7.39 2.80
C LYS A 137 0.62 -7.94 1.52
N THR A 138 0.23 -7.02 0.64
CA THR A 138 -0.26 -7.37 -0.67
C THR A 138 0.92 -8.01 -1.41
N LEU A 139 0.75 -9.26 -1.84
CA LEU A 139 1.78 -10.04 -2.53
C LEU A 139 2.26 -9.26 -3.75
N GLY A 140 1.31 -8.76 -4.50
CA GLY A 140 1.59 -7.90 -5.64
C GLY A 140 0.38 -7.71 -6.52
N SER A 141 0.64 -7.11 -7.67
CA SER A 141 -0.37 -6.87 -8.67
C SER A 141 0.10 -7.44 -9.99
N ALA A 142 -0.84 -7.88 -10.81
CA ALA A 142 -0.53 -8.37 -12.17
C ALA A 142 -1.24 -7.47 -13.15
N TRP A 143 -0.49 -6.92 -14.10
CA TRP A 143 -1.02 -6.07 -15.18
C TRP A 143 -0.93 -6.90 -16.42
N VAL A 144 -2.06 -7.47 -16.82
CA VAL A 144 -2.17 -8.31 -17.99
C VAL A 144 -2.77 -7.50 -19.15
N TYR A 145 -2.09 -7.54 -20.29
CA TYR A 145 -2.50 -6.85 -21.52
C TYR A 145 -2.74 -7.92 -22.60
N ILE A 146 -3.99 -8.09 -23.05
CA ILE A 146 -4.39 -9.11 -24.03
C ILE A 146 -4.74 -8.50 -25.37
N ASP A 147 -4.32 -9.17 -26.45
CA ASP A 147 -4.68 -8.81 -27.83
C ASP A 147 -6.04 -9.45 -27.98
N ALA A 148 -7.09 -8.62 -27.92
CA ALA A 148 -8.49 -9.09 -27.97
C ALA A 148 -8.86 -9.77 -29.28
N SER A 149 -8.13 -9.48 -30.36
CA SER A 149 -8.35 -10.16 -31.65
C SER A 149 -7.99 -11.66 -31.61
N THR A 150 -7.09 -12.03 -30.71
CA THR A 150 -6.55 -13.38 -30.60
C THR A 150 -7.12 -14.20 -29.42
N MSE A 151 -8.41 -14.01 -29.07
CA MSE A 151 -9.05 -14.82 -27.99
C MSE A 151 -9.20 -16.26 -28.49
O MSE A 151 -9.47 -16.47 -29.67
CB MSE A 151 -10.44 -14.32 -27.58
CG MSE A 151 -10.54 -12.91 -27.09
SE MSE A 151 -9.48 -12.47 -25.54
CE MSE A 151 -10.32 -13.62 -24.18
N LYS A 152 -9.08 -17.24 -27.59
CA LYS A 152 -9.18 -18.67 -27.92
C LYS A 152 -10.59 -19.28 -27.71
N GLY A 153 -11.62 -18.43 -27.61
CA GLY A 153 -13.00 -18.91 -27.45
C GLY A 153 -13.41 -19.67 -26.19
N LYS A 154 -12.71 -19.43 -25.08
CA LYS A 154 -13.11 -19.96 -23.77
C LYS A 154 -14.20 -19.00 -23.30
N THR A 155 -15.31 -19.51 -22.76
CA THR A 155 -16.43 -18.65 -22.34
C THR A 155 -15.99 -17.74 -21.20
N ASP A 156 -16.70 -16.63 -21.02
CA ASP A 156 -16.39 -15.69 -19.92
C ASP A 156 -16.33 -16.40 -18.55
N GLU A 157 -17.24 -17.35 -18.33
CA GLU A 157 -17.33 -18.12 -17.08
C GLU A 157 -16.05 -18.93 -16.90
N GLU A 158 -15.66 -19.66 -17.96
CA GLU A 158 -14.42 -20.47 -17.98
C GLU A 158 -13.18 -19.63 -17.75
N GLU A 159 -13.15 -18.44 -18.34
CA GLU A 159 -12.01 -17.53 -18.21
C GLU A 159 -11.87 -17.04 -16.78
N TYR A 160 -12.98 -16.54 -16.23
CA TYR A 160 -13.05 -16.02 -14.85
C TYR A 160 -12.70 -17.11 -13.83
N GLN A 161 -13.28 -18.29 -14.00
CA GLN A 161 -12.99 -19.44 -13.12
C GLN A 161 -11.50 -19.77 -13.05
N MSE A 162 -10.81 -19.72 -14.18
CA MSE A 162 -9.36 -19.96 -14.23
C MSE A 162 -8.58 -18.91 -13.44
O MSE A 162 -7.62 -19.26 -12.75
CB MSE A 162 -8.82 -19.99 -15.68
CG MSE A 162 -9.14 -21.25 -16.46
SE MSE A 162 -8.29 -21.29 -18.22
CE MSE A 162 -8.95 -19.58 -18.92
N TYR A 163 -8.99 -17.64 -13.54
CA TYR A 163 -8.30 -16.58 -12.80
C TYR A 163 -8.54 -16.74 -11.31
N GLU A 164 -9.80 -16.97 -10.93
CA GLU A 164 -10.20 -17.27 -9.53
C GLU A 164 -9.31 -18.40 -8.95
N GLU A 165 -9.09 -19.47 -9.72
CA GLU A 165 -8.24 -20.59 -9.31
C GLU A 165 -6.77 -20.19 -9.11
N VAL A 166 -6.22 -19.40 -10.03
CA VAL A 166 -4.81 -18.94 -9.89
C VAL A 166 -4.67 -18.11 -8.60
N TYR A 167 -5.53 -17.12 -8.44
CA TYR A 167 -5.50 -16.24 -7.26
C TYR A 167 -5.82 -16.93 -5.92
N ARG A 168 -6.73 -17.88 -5.91
CA ARG A 168 -7.06 -18.62 -4.68
C ARG A 168 -6.05 -19.74 -4.34
N ASP A 169 -5.80 -20.62 -5.29
CA ASP A 169 -5.00 -21.84 -5.07
C ASP A 169 -3.49 -21.70 -5.30
N LYS A 170 -3.10 -20.84 -6.25
CA LYS A 170 -1.68 -20.72 -6.64
C LYS A 170 -0.96 -19.58 -5.93
N LEU A 171 -1.53 -18.37 -5.92
CA LEU A 171 -0.85 -17.22 -5.29
C LEU A 171 -0.78 -17.25 -3.77
N GLY A 172 -1.86 -17.64 -3.11
CA GLY A 172 -1.85 -17.81 -1.65
C GLY A 172 -1.83 -16.61 -0.72
N GLY A 173 -2.33 -15.47 -1.18
CA GLY A 173 -2.46 -14.29 -0.31
C GLY A 173 -3.26 -13.16 -0.95
N GLN A 174 -3.12 -11.96 -0.40
CA GLN A 174 -3.80 -10.80 -0.97
C GLN A 174 -3.05 -10.37 -2.26
N ALA A 175 -3.78 -10.31 -3.37
CA ALA A 175 -3.21 -9.89 -4.67
C ALA A 175 -4.27 -9.27 -5.59
N LEU A 176 -3.83 -8.38 -6.49
CA LEU A 176 -4.70 -7.68 -7.44
C LEU A 176 -4.49 -8.21 -8.86
N LEU A 177 -5.55 -8.16 -9.66
CA LEU A 177 -5.53 -8.55 -11.08
C LEU A 177 -6.12 -7.43 -11.92
N TYR A 178 -5.40 -7.06 -12.98
CA TYR A 178 -5.85 -6.07 -13.98
C TYR A 178 -5.72 -6.76 -15.35
N VAL A 179 -6.81 -6.82 -16.12
CA VAL A 179 -6.80 -7.45 -17.44
C VAL A 179 -7.35 -6.46 -18.42
N TYR A 180 -6.49 -5.99 -19.31
CA TYR A 180 -6.84 -5.05 -20.38
C TYR A 180 -7.07 -5.84 -21.66
N TYR A 181 -8.24 -5.67 -22.29
CA TYR A 181 -8.58 -6.31 -23.57
C TYR A 181 -8.40 -5.26 -24.68
N LEU A 182 -7.17 -5.16 -25.17
CA LEU A 182 -6.78 -4.17 -26.17
C LEU A 182 -7.05 -4.64 -27.60
N ASP A 183 -7.33 -3.69 -28.48
CA ASP A 183 -7.48 -3.98 -29.90
C ASP A 183 -6.07 -4.32 -30.42
N HIS A 184 -6.01 -5.06 -31.53
CA HIS A 184 -4.75 -5.52 -32.12
C HIS A 184 -3.67 -4.47 -32.28
N LYS A 185 -3.97 -3.40 -33.00
CA LYS A 185 -2.97 -2.34 -33.22
C LYS A 185 -2.52 -1.69 -31.89
N SER A 186 -3.46 -1.44 -30.98
CA SER A 186 -3.12 -0.92 -29.65
C SER A 186 -2.19 -1.84 -28.91
N PHE A 187 -2.52 -3.13 -28.93
CA PHE A 187 -1.71 -4.12 -28.24
C PHE A 187 -0.27 -4.11 -28.74
N GLU A 188 -0.10 -4.18 -30.04
CA GLU A 188 1.23 -4.24 -30.67
C GLU A 188 2.13 -3.04 -30.33
N LYS A 189 1.53 -1.87 -30.21
CA LYS A 189 2.24 -0.65 -29.79
C LYS A 189 2.57 -0.75 -28.31
N ALA A 190 1.59 -1.21 -27.52
CA ALA A 190 1.74 -1.36 -26.09
C ALA A 190 2.92 -2.26 -25.78
N GLU A 191 2.96 -3.43 -26.41
CA GLU A 191 3.98 -4.48 -26.21
C GLU A 191 5.38 -3.92 -26.38
N LYS A 192 5.60 -3.12 -27.42
CA LYS A 192 6.93 -2.51 -27.68
C LYS A 192 7.42 -1.62 -26.53
N ILE A 193 6.50 -1.00 -25.79
CA ILE A 193 6.83 -0.14 -24.63
C ILE A 193 7.06 -0.99 -23.37
N LEU A 194 6.18 -1.95 -23.12
CA LEU A 194 6.28 -2.90 -22.00
C LEU A 194 7.59 -3.69 -21.97
N GLU A 195 8.16 -3.97 -23.15
CA GLU A 195 9.44 -4.68 -23.26
C GLU A 195 10.65 -3.92 -22.71
N ILE A 196 10.57 -2.59 -22.63
CA ILE A 196 11.70 -1.74 -22.19
C ILE A 196 11.47 -0.84 -20.97
N PHE A 197 10.31 -0.93 -20.32
CA PHE A 197 10.01 -0.15 -19.11
C PHE A 197 9.32 -1.03 -18.07
N THR A 198 9.55 -0.72 -16.79
CA THR A 198 8.95 -1.46 -15.66
C THR A 198 7.57 -0.92 -15.33
N SER A 199 6.86 -1.69 -14.53
CA SER A 199 5.47 -1.41 -14.12
C SER A 199 5.29 -0.02 -13.53
N GLY A 200 4.41 0.77 -14.15
CA GLY A 200 4.14 2.14 -13.76
C GLY A 200 5.02 3.17 -14.46
N ASP A 201 6.24 2.79 -14.90
CA ASP A 201 7.18 3.70 -15.55
C ASP A 201 7.09 3.64 -17.10
N GLU A 202 5.94 3.20 -17.62
CA GLU A 202 5.76 3.07 -19.08
C GLU A 202 5.73 4.38 -19.87
N GLY A 203 5.29 5.47 -19.26
CA GLY A 203 5.24 6.80 -19.91
C GLY A 203 3.86 7.25 -20.36
N SER A 204 3.73 8.55 -20.70
CA SER A 204 2.44 9.13 -21.06
C SER A 204 1.83 8.54 -22.33
N ASN A 205 2.66 8.24 -23.34
CA ASN A 205 2.15 7.63 -24.61
C ASN A 205 1.54 6.24 -24.41
N PHE A 206 2.10 5.48 -23.47
CA PHE A 206 1.52 4.19 -23.08
C PHE A 206 0.11 4.40 -22.50
N GLU A 207 -0.02 5.38 -21.60
CA GLU A 207 -1.28 5.71 -20.93
C GLU A 207 -2.31 6.13 -22.00
N ASP A 208 -1.85 6.88 -23.01
CA ASP A 208 -2.68 7.28 -24.14
C ASP A 208 -3.18 6.08 -24.98
N ILE A 209 -2.34 5.05 -25.15
CA ILE A 209 -2.75 3.86 -25.94
C ILE A 209 -3.81 3.06 -25.20
N ILE A 210 -3.61 2.83 -23.91
CA ILE A 210 -4.54 2.03 -23.12
C ILE A 210 -5.79 2.77 -22.63
N GLU A 211 -5.81 4.10 -22.67
CA GLU A 211 -6.97 4.90 -22.20
C GLU A 211 -8.25 4.54 -22.95
N GLY A 212 -9.34 4.28 -22.21
CA GLY A 212 -10.63 3.96 -22.78
C GLY A 212 -10.84 2.50 -23.17
N GLN A 213 -9.75 1.75 -23.34
CA GLN A 213 -9.81 0.32 -23.67
C GLN A 213 -10.48 -0.41 -22.49
N PRO A 214 -11.31 -1.43 -22.77
CA PRO A 214 -11.98 -2.14 -21.69
C PRO A 214 -11.01 -2.94 -20.83
N TYR A 215 -11.19 -2.84 -19.51
CA TYR A 215 -10.36 -3.59 -18.58
C TYR A 215 -11.13 -3.96 -17.33
N PHE A 216 -10.60 -4.99 -16.66
CA PHE A 216 -11.17 -5.51 -15.43
C PHE A 216 -10.08 -5.40 -14.38
N GLY A 217 -10.41 -4.72 -13.26
CA GLY A 217 -9.51 -4.51 -12.13
C GLY A 217 -10.16 -5.01 -10.86
N THR A 218 -9.51 -5.93 -10.16
CA THR A 218 -10.08 -6.47 -8.93
C THR A 218 -8.99 -6.91 -7.98
N ILE A 219 -9.41 -7.34 -6.80
CA ILE A 219 -8.55 -7.81 -5.74
C ILE A 219 -9.16 -9.02 -5.09
N MSE A 220 -8.29 -9.95 -4.69
CA MSE A 220 -8.69 -11.10 -3.85
C MSE A 220 -8.01 -10.73 -2.54
O MSE A 220 -6.77 -10.67 -2.48
CB MSE A 220 -8.21 -12.45 -4.36
CG MSE A 220 -8.58 -13.59 -3.41
SE MSE A 220 -8.45 -15.34 -4.19
CE MSE A 220 -9.88 -15.29 -5.49
N ARG A 221 -8.83 -10.43 -1.53
CA ARG A 221 -8.33 -9.97 -0.25
C ARG A 221 -7.81 -11.09 0.59
N TYR A 222 -7.04 -10.70 1.59
CA TYR A 222 -6.45 -11.59 2.55
C TYR A 222 -7.56 -12.38 3.24
N GLY A 223 -7.39 -13.71 3.28
CA GLY A 223 -8.36 -14.60 3.90
C GLY A 223 -9.68 -14.76 3.17
N SER A 224 -9.71 -14.42 1.87
CA SER A 224 -10.88 -14.52 1.03
C SER A 224 -10.56 -15.48 -0.13
N ASP A 225 -11.51 -16.34 -0.48
CA ASP A 225 -11.34 -17.29 -1.57
C ASP A 225 -11.90 -16.82 -2.91
N LYS A 226 -12.48 -15.62 -2.92
CA LYS A 226 -13.11 -15.02 -4.10
C LYS A 226 -12.61 -13.60 -4.32
N PHE A 227 -12.77 -13.10 -5.54
CA PHE A 227 -12.43 -11.72 -5.89
C PHE A 227 -13.52 -10.82 -5.33
N ASP A 228 -13.20 -9.54 -5.18
CA ASP A 228 -14.22 -8.57 -4.72
C ASP A 228 -15.30 -8.33 -5.76
N ASP A 229 -14.97 -8.55 -7.03
CA ASP A 229 -15.87 -8.31 -8.16
C ASP A 229 -16.26 -9.67 -8.79
N ASN A 230 -17.55 -9.96 -8.76
CA ASN A 230 -18.11 -11.20 -9.28
C ASN A 230 -18.10 -11.32 -10.82
N LEU A 231 -18.45 -12.51 -11.30
CA LEU A 231 -18.55 -12.84 -12.73
C LEU A 231 -19.33 -11.81 -13.55
N GLU A 232 -20.42 -11.30 -13.01
CA GLU A 232 -21.29 -10.35 -13.74
C GLU A 232 -20.55 -9.04 -14.00
N ILE A 233 -19.83 -8.56 -13.00
CA ILE A 233 -18.99 -7.35 -13.10
C ILE A 233 -17.85 -7.55 -14.13
N PHE A 234 -17.31 -8.77 -14.18
CA PHE A 234 -16.27 -9.15 -15.14
C PHE A 234 -16.79 -9.10 -16.56
N LYS A 235 -17.95 -9.72 -16.80
CA LYS A 235 -18.58 -9.71 -18.13
C LYS A 235 -18.86 -8.27 -18.62
N ALA A 236 -19.42 -7.44 -17.74
CA ALA A 236 -19.72 -6.04 -18.05
C ALA A 236 -18.43 -5.26 -18.36
N ALA A 237 -17.39 -5.45 -17.54
CA ALA A 237 -16.08 -4.78 -17.72
C ALA A 237 -15.40 -5.15 -19.05
N LYS A 238 -15.48 -6.44 -19.39
CA LYS A 238 -14.93 -7.00 -20.63
C LYS A 238 -15.60 -6.42 -21.90
N GLN A 239 -16.88 -6.06 -21.85
CA GLN A 239 -17.55 -5.27 -22.93
C GLN A 239 -17.19 -3.78 -22.83
N GLY A 240 -17.18 -3.23 -21.61
CA GLY A 240 -16.86 -1.81 -21.35
C GLY A 240 -18.14 -1.00 -21.17
N LYS A 241 -18.77 -1.08 -19.97
CA LYS A 241 -20.02 -0.34 -19.67
C LYS A 241 -20.34 -0.15 -18.17
N GLY B 1 -2.11 0.14 45.60
CA GLY B 1 -0.70 -0.06 45.14
C GLY B 1 -0.56 0.12 43.64
N HIS B 2 0.58 -0.33 43.14
CA HIS B 2 0.91 -0.23 41.70
C HIS B 2 -0.18 -0.70 40.74
N GLU B 3 -0.80 -1.86 40.98
CA GLU B 3 -1.87 -2.39 40.11
C GLU B 3 -3.18 -1.56 40.09
N ASN B 4 -3.41 -0.76 41.14
CA ASN B 4 -4.58 0.14 41.22
C ASN B 4 -4.47 1.43 40.42
N GLU B 5 -3.29 1.72 39.87
CA GLU B 5 -3.11 2.88 38.98
C GLU B 5 -3.94 2.62 37.74
N ILE B 6 -4.63 3.64 37.27
CA ILE B 6 -5.55 3.52 36.11
C ILE B 6 -4.82 3.04 34.84
N SER B 7 -3.57 3.48 34.65
CA SER B 7 -2.77 3.07 33.49
C SER B 7 -2.48 1.57 33.53
N ILE B 8 -2.13 1.08 34.70
CA ILE B 8 -1.79 -0.34 34.87
C ILE B 8 -3.02 -1.22 34.70
N LYS B 9 -4.19 -0.75 35.15
CA LYS B 9 -5.44 -1.50 34.96
C LYS B 9 -5.75 -1.67 33.46
N ILE B 10 -5.59 -0.57 32.70
CA ILE B 10 -5.83 -0.57 31.24
C ILE B 10 -4.81 -1.45 30.52
N GLU B 11 -3.52 -1.27 30.83
CA GLU B 11 -2.44 -2.08 30.25
C GLU B 11 -2.68 -3.58 30.52
N THR B 12 -3.07 -3.91 31.75
CA THR B 12 -3.34 -5.31 32.14
C THR B 12 -4.52 -5.89 31.36
N TYR B 13 -5.58 -5.11 31.22
CA TYR B 13 -6.75 -5.57 30.48
C TYR B 13 -6.39 -5.89 29.02
N LEU B 14 -5.78 -4.91 28.34
CA LEU B 14 -5.39 -5.05 26.93
C LEU B 14 -4.51 -6.29 26.68
N GLN B 15 -3.53 -6.52 27.57
CA GLN B 15 -2.65 -7.68 27.48
C GLN B 15 -3.40 -9.00 27.65
N GLU B 16 -4.24 -9.06 28.69
CA GLU B 16 -5.09 -10.24 28.93
C GLU B 16 -6.07 -10.49 27.79
N GLU B 17 -6.62 -9.42 27.20
CA GLU B 17 -7.60 -9.55 26.12
C GLU B 17 -7.01 -9.89 24.77
N TYR B 18 -5.79 -9.43 24.47
CA TYR B 18 -5.21 -9.58 23.12
C TYR B 18 -3.86 -10.31 22.95
N GLY B 19 -3.20 -10.76 24.03
CA GLY B 19 -1.94 -11.52 23.92
C GLY B 19 -0.63 -10.75 23.94
N GLU B 20 -0.60 -9.59 23.30
CA GLU B 20 0.58 -8.70 23.27
C GLU B 20 0.62 -7.81 24.49
N GLU B 21 1.70 -7.06 24.67
CA GLU B 21 1.78 -6.07 25.75
C GLU B 21 1.60 -4.68 25.17
N PHE B 22 1.02 -3.79 25.97
CA PHE B 22 0.67 -2.42 25.58
C PHE B 22 1.17 -1.42 26.57
N GLU B 23 1.13 -0.16 26.19
CA GLU B 23 1.52 0.96 27.05
C GLU B 23 0.47 2.06 26.91
N VAL B 24 0.02 2.62 28.04
CA VAL B 24 -0.89 3.76 28.05
C VAL B 24 0.05 4.96 28.10
N LEU B 25 0.11 5.72 27.01
CA LEU B 25 0.99 6.90 26.95
C LEU B 25 0.47 8.01 27.87
N SER B 26 -0.84 8.17 27.93
CA SER B 26 -1.50 9.17 28.80
C SER B 26 -3.00 8.94 28.82
N TRP B 27 -3.65 9.60 29.77
CA TRP B 27 -5.09 9.55 29.86
C TRP B 27 -5.67 10.79 30.45
N ASN B 28 -6.92 10.97 30.06
CA ASN B 28 -7.66 12.17 30.26
C ASN B 28 -9.06 11.81 30.81
N GLN B 29 -9.54 12.57 31.81
CA GLN B 29 -10.86 12.35 32.39
C GLN B 29 -11.60 13.69 32.55
N PRO B 30 -12.25 14.18 31.48
CA PRO B 30 -13.03 15.42 31.62
C PRO B 30 -14.21 15.24 32.57
N LYS B 31 -14.58 16.31 33.26
CA LYS B 31 -15.67 16.28 34.22
C LYS B 31 -16.45 17.59 34.15
N LEU B 32 -17.75 17.53 34.49
CA LEU B 32 -18.58 18.73 34.57
C LEU B 32 -18.15 19.43 35.88
N LEU B 33 -18.43 18.78 37.01
CA LEU B 33 -18.01 19.22 38.35
C LEU B 33 -16.81 18.34 38.76
N PRO B 34 -15.94 18.82 39.69
CA PRO B 34 -14.81 17.98 40.17
C PRO B 34 -15.29 16.68 40.85
N SER B 35 -16.50 16.75 41.44
CA SER B 35 -17.21 15.61 42.05
C SER B 35 -17.47 14.38 41.13
N ASP B 36 -17.59 14.58 39.82
CA ASP B 36 -17.91 13.47 38.86
C ASP B 36 -16.81 12.42 38.60
N ASN B 37 -17.24 11.22 38.20
CA ASN B 37 -16.34 10.10 37.85
C ASN B 37 -16.68 9.70 36.40
N GLY B 38 -16.48 10.65 35.49
CA GLY B 38 -16.79 10.46 34.08
C GLY B 38 -15.90 9.46 33.34
N ALA B 39 -16.17 9.30 32.06
CA ALA B 39 -15.40 8.38 31.21
C ALA B 39 -13.91 8.77 31.15
N ILE B 40 -13.04 7.76 31.08
CA ILE B 40 -11.58 7.92 30.97
C ILE B 40 -11.18 7.64 29.54
N TYR B 41 -10.54 8.63 28.90
CA TYR B 41 -10.06 8.54 27.50
C TYR B 41 -8.53 8.36 27.54
N ALA B 42 -8.07 7.16 27.16
CA ALA B 42 -6.66 6.77 27.21
C ALA B 42 -6.00 6.63 25.85
N THR B 43 -4.86 7.30 25.66
CA THR B 43 -4.05 7.17 24.42
C THR B 43 -3.11 5.99 24.66
N CYS B 44 -3.26 4.93 23.85
CA CYS B 44 -2.53 3.67 24.01
C CYS B 44 -1.69 3.25 22.77
N ILE B 45 -0.67 2.43 23.00
CA ILE B 45 0.10 1.77 21.93
C ILE B 45 0.33 0.29 22.28
N SER B 46 0.54 -0.55 21.27
CA SER B 46 0.98 -1.93 21.49
C SER B 46 2.51 -1.83 21.36
N LYS B 47 3.27 -2.57 22.18
CA LYS B 47 4.74 -2.52 22.09
C LYS B 47 5.24 -2.95 20.69
N ASN B 48 4.52 -3.87 20.05
CA ASN B 48 4.84 -4.32 18.69
C ASN B 48 4.55 -3.30 17.58
N ASP B 49 3.74 -2.28 17.85
CA ASP B 49 3.43 -1.20 16.87
C ASP B 49 3.51 0.15 17.63
N PRO B 50 4.67 0.42 18.24
CA PRO B 50 4.81 1.55 19.16
C PRO B 50 4.70 2.95 18.60
N LYS B 51 4.81 3.12 17.30
CA LYS B 51 4.79 4.46 16.70
C LYS B 51 3.37 4.95 16.39
N HIS B 52 2.35 4.08 16.47
CA HIS B 52 0.96 4.43 16.10
C HIS B 52 -0.06 4.31 17.22
N PRO B 53 -0.32 5.42 17.94
CA PRO B 53 -1.26 5.35 19.07
C PRO B 53 -2.74 5.27 18.70
N PHE B 54 -3.54 4.78 19.65
CA PHE B 54 -5.00 4.68 19.50
C PHE B 54 -5.70 5.01 20.80
N GLU B 55 -6.92 5.53 20.70
CA GLU B 55 -7.71 5.93 21.87
C GLU B 55 -8.67 4.82 22.29
N GLY B 56 -8.86 4.69 23.60
CA GLY B 56 -9.79 3.75 24.21
C GLY B 56 -10.60 4.50 25.26
N SER B 57 -11.80 4.01 25.54
CA SER B 57 -12.73 4.63 26.46
C SER B 57 -12.98 3.65 27.62
N TYR B 58 -12.75 4.07 28.87
CA TYR B 58 -12.91 3.22 30.08
C TYR B 58 -13.67 3.94 31.22
N PHE B 59 -14.16 3.16 32.17
CA PHE B 59 -14.81 3.66 33.40
C PHE B 59 -14.12 2.94 34.56
N ASN B 60 -13.72 3.69 35.59
CA ASN B 60 -13.03 3.15 36.76
C ASN B 60 -13.94 3.32 37.99
N PRO B 61 -14.48 2.20 38.55
CA PRO B 61 -15.42 2.35 39.68
C PRO B 61 -14.87 3.01 40.97
N GLU B 62 -15.77 3.58 41.77
CA GLU B 62 -15.43 4.35 42.99
C GLU B 62 -14.60 3.58 44.03
N GLU B 63 -15.21 2.53 44.61
CA GLU B 63 -14.59 1.70 45.70
C GLU B 63 -13.20 1.07 45.34
N PRO B 64 -12.39 0.66 46.36
CA PRO B 64 -11.01 0.23 46.10
C PRO B 64 -10.83 -1.14 45.45
N ASN B 65 -9.69 -1.33 44.77
CA ASN B 65 -9.35 -2.57 44.04
C ASN B 65 -10.37 -2.97 42.98
N SER B 66 -11.04 -1.98 42.41
CA SER B 66 -12.09 -2.19 41.42
C SER B 66 -11.49 -2.61 40.08
N GLU B 67 -12.14 -3.56 39.41
CA GLU B 67 -11.72 -3.97 38.07
C GLU B 67 -12.24 -2.93 37.09
N ILE B 68 -11.37 -2.49 36.16
CA ILE B 68 -11.69 -1.46 35.17
C ILE B 68 -12.78 -1.95 34.22
N GLU B 69 -13.73 -1.08 33.89
CA GLU B 69 -14.83 -1.40 32.96
C GLU B 69 -14.47 -0.80 31.61
N ILE B 70 -14.89 -1.48 30.55
CA ILE B 70 -14.57 -1.09 29.16
C ILE B 70 -15.77 -0.47 28.47
N ILE B 71 -15.67 0.79 28.04
CA ILE B 71 -16.73 1.44 27.26
C ILE B 71 -16.47 0.92 25.83
N TYR B 72 -15.32 1.27 25.27
CA TYR B 72 -14.87 0.73 23.99
C TYR B 72 -13.36 0.85 23.97
N ASP B 73 -12.66 -0.29 23.98
CA ASP B 73 -11.17 -0.32 24.07
C ASP B 73 -10.40 0.29 22.90
N GLY B 74 -11.07 0.42 21.76
CA GLY B 74 -10.48 1.02 20.57
C GLY B 74 -9.50 0.17 19.78
N TYR B 75 -9.30 -1.10 20.16
CA TYR B 75 -8.27 -1.93 19.51
C TYR B 75 -8.68 -2.48 18.15
N GLY B 76 -9.93 -2.89 17.99
CA GLY B 76 -10.42 -3.37 16.68
C GLY B 76 -10.29 -2.24 15.64
N GLN B 77 -10.65 -1.05 16.10
CA GLN B 77 -10.53 0.19 15.35
C GLN B 77 -9.08 0.45 14.91
N ARG B 78 -8.14 0.24 15.84
CA ARG B 78 -6.72 0.39 15.54
C ARG B 78 -6.23 -0.61 14.48
N LEU B 79 -6.67 -1.86 14.59
CA LEU B 79 -6.28 -2.90 13.64
C LEU B 79 -6.77 -2.57 12.21
N LEU B 80 -7.95 -1.94 12.10
CA LEU B 80 -8.46 -1.48 10.80
C LEU B 80 -7.56 -0.35 10.28
N ALA B 81 -7.20 0.60 11.16
CA ALA B 81 -6.27 1.67 10.82
C ALA B 81 -4.92 1.11 10.36
N LYS B 82 -4.40 0.10 11.07
CA LYS B 82 -3.11 -0.55 10.73
C LYS B 82 -3.12 -1.08 9.28
N GLN B 83 -4.23 -1.69 8.90
CA GLN B 83 -4.40 -2.22 7.53
C GLN B 83 -4.49 -1.10 6.49
N MSE B 84 -5.21 -0.04 6.81
CA MSE B 84 -5.35 1.13 5.91
C MSE B 84 -3.95 1.72 5.68
O MSE B 84 -3.55 1.97 4.54
CB MSE B 84 -6.31 2.18 6.48
CG MSE B 84 -6.76 3.24 5.47
SE MSE B 84 -7.58 4.73 6.33
CE MSE B 84 -8.41 5.61 4.76
N GLU B 85 -3.23 1.93 6.78
CA GLU B 85 -1.85 2.43 6.75
C GLU B 85 -0.93 1.55 5.90
N SER B 86 -1.04 0.23 6.10
CA SER B 86 -0.22 -0.74 5.37
C SER B 86 -0.43 -0.66 3.86
N MSE B 87 -1.68 -0.65 3.44
CA MSE B 87 -2.02 -0.56 2.01
C MSE B 87 -1.59 0.77 1.36
O MSE B 87 -1.18 0.77 0.20
CB MSE B 87 -3.53 -0.84 1.79
CG MSE B 87 -3.86 -2.32 2.00
SE MSE B 87 -5.62 -2.92 1.67
CE MSE B 87 -6.47 -2.44 3.37
N ILE B 88 -1.69 1.86 2.11
CA ILE B 88 -1.22 3.18 1.64
C ILE B 88 0.30 3.17 1.59
N GLU B 89 0.94 2.59 2.61
CA GLU B 89 2.42 2.53 2.66
C GLU B 89 3.01 1.82 1.44
N GLU B 90 2.33 0.80 0.91
CA GLU B 90 2.75 0.12 -0.33
C GLU B 90 2.96 1.12 -1.50
N ALA B 91 2.19 2.21 -1.53
CA ALA B 91 2.37 3.30 -2.53
C ALA B 91 3.33 4.40 -2.00
N ILE B 92 3.14 4.86 -0.76
CA ILE B 92 3.98 5.92 -0.15
C ILE B 92 5.46 5.54 -0.05
N SER B 93 5.74 4.28 0.27
CA SER B 93 7.15 3.82 0.40
C SER B 93 7.94 3.83 -0.92
N GLN B 94 7.23 3.84 -2.05
CA GLN B 94 7.83 3.96 -3.38
C GLN B 94 8.03 5.44 -3.79
N ALA B 95 7.28 6.36 -3.18
CA ALA B 95 7.38 7.81 -3.47
C ALA B 95 8.44 8.55 -2.60
N ALA B 96 8.62 8.16 -1.33
CA ALA B 96 9.58 8.78 -0.40
C ALA B 96 10.20 7.80 0.57
N GLU B 97 11.25 8.21 1.28
CA GLU B 97 11.93 7.34 2.27
C GLU B 97 11.35 7.54 3.68
N ASN B 98 11.23 8.80 4.10
CA ASN B 98 10.68 9.16 5.42
C ASN B 98 9.26 9.72 5.31
N TYR B 99 8.39 9.24 6.18
CA TYR B 99 6.99 9.62 6.19
C TYR B 99 6.28 9.09 7.43
N TYR B 100 5.07 9.59 7.66
CA TYR B 100 4.20 9.08 8.71
C TYR B 100 2.81 8.96 8.12
N ILE B 101 2.24 7.75 8.14
CA ILE B 101 0.91 7.49 7.61
C ILE B 101 -0.02 7.30 8.81
N GLN B 102 -0.96 8.23 9.03
CA GLN B 102 -1.90 8.16 10.15
C GLN B 102 -3.29 7.79 9.68
N GLY B 103 -3.73 6.58 10.03
CA GLY B 103 -5.07 6.09 9.70
C GLY B 103 -6.03 6.64 10.73
N ASP B 104 -7.16 7.16 10.28
CA ASP B 104 -8.19 7.77 11.12
C ASP B 104 -9.53 7.07 10.84
N ILE B 105 -9.75 5.94 11.51
CA ILE B 105 -10.95 5.13 11.39
C ILE B 105 -11.69 5.18 12.72
N ILE B 106 -12.93 5.67 12.73
CA ILE B 106 -13.79 5.72 13.91
C ILE B 106 -15.05 4.92 13.58
N ILE B 107 -15.15 3.70 14.09
CA ILE B 107 -16.33 2.87 13.82
C ILE B 107 -17.45 3.50 14.68
N PRO B 108 -18.70 3.54 14.17
CA PRO B 108 -19.78 4.13 15.00
C PRO B 108 -20.20 3.24 16.19
N GLU B 109 -20.79 3.87 17.21
CA GLU B 109 -21.22 3.18 18.45
C GLU B 109 -21.93 1.84 18.17
N GLU B 110 -22.83 1.83 17.19
CA GLU B 110 -23.62 0.63 16.78
C GLU B 110 -22.76 -0.60 16.51
N TRP B 111 -21.56 -0.41 15.94
CA TRP B 111 -20.68 -1.53 15.57
C TRP B 111 -19.67 -1.95 16.60
N GLN B 112 -19.53 -1.19 17.69
CA GLN B 112 -18.60 -1.56 18.78
C GLN B 112 -18.86 -2.94 19.39
N ASP B 113 -20.11 -3.40 19.34
CA ASP B 113 -20.52 -4.73 19.79
C ASP B 113 -20.05 -5.88 18.91
N ILE B 114 -19.70 -5.61 17.65
CA ILE B 114 -19.29 -6.69 16.71
C ILE B 114 -17.96 -7.25 17.22
N PRO B 115 -17.79 -8.60 17.27
CA PRO B 115 -16.52 -9.15 17.82
C PRO B 115 -15.28 -8.63 17.09
N VAL B 116 -14.22 -8.38 17.85
CA VAL B 116 -12.98 -7.81 17.29
C VAL B 116 -12.40 -8.71 16.19
N GLU B 117 -12.42 -10.03 16.42
CA GLU B 117 -11.91 -10.98 15.42
C GLU B 117 -12.68 -10.88 14.06
N GLU B 118 -13.97 -10.49 14.09
CA GLU B 118 -14.77 -10.31 12.88
C GLU B 118 -14.58 -8.91 12.24
N ILE B 119 -14.81 -7.86 13.03
CA ILE B 119 -14.77 -6.45 12.53
C ILE B 119 -13.39 -5.96 12.08
N SER B 120 -12.32 -6.45 12.72
CA SER B 120 -10.96 -6.03 12.41
C SER B 120 -10.41 -6.47 11.04
N GLN B 121 -11.04 -7.45 10.40
CA GLN B 121 -10.64 -7.84 9.05
C GLN B 121 -11.17 -6.81 8.06
N TRP B 122 -10.25 -6.20 7.31
CA TRP B 122 -10.59 -5.16 6.35
C TRP B 122 -11.72 -5.54 5.45
N LYS B 123 -11.66 -6.75 4.90
CA LYS B 123 -12.72 -7.24 4.01
C LYS B 123 -14.14 -7.15 4.60
N ASN B 124 -14.30 -7.49 5.88
CA ASN B 124 -15.60 -7.43 6.56
C ASN B 124 -16.05 -6.00 6.85
N TYR B 125 -15.08 -5.16 7.17
CA TYR B 125 -15.36 -3.76 7.45
C TYR B 125 -15.84 -3.01 6.23
N VAL B 126 -15.14 -3.21 5.10
CA VAL B 126 -15.51 -2.57 3.84
C VAL B 126 -16.91 -3.05 3.38
N ASP B 127 -17.24 -4.33 3.61
CA ASP B 127 -18.57 -4.87 3.29
C ASP B 127 -19.63 -4.18 4.15
N LEU B 128 -19.36 -4.02 5.44
CA LEU B 128 -20.28 -3.32 6.34
C LEU B 128 -20.51 -1.87 5.90
N CYS B 129 -19.44 -1.17 5.52
CA CYS B 129 -19.57 0.22 5.10
C CYS B 129 -20.30 0.40 3.77
N ASN B 130 -20.00 -0.45 2.79
CA ASN B 130 -20.60 -0.34 1.47
C ASN B 130 -22.05 -0.77 1.41
N GLN B 131 -22.43 -1.79 2.17
CA GLN B 131 -23.84 -2.23 2.20
C GLN B 131 -24.73 -1.32 3.08
N SER B 132 -24.14 -0.45 3.90
CA SER B 132 -24.89 0.44 4.81
C SER B 132 -25.58 1.68 4.17
N ASN B 133 -26.14 2.54 5.02
CA ASN B 133 -26.71 3.84 4.59
C ASN B 133 -25.59 4.78 4.20
N SER B 134 -25.93 5.96 3.67
CA SER B 134 -24.91 6.97 3.32
C SER B 134 -24.23 7.51 4.59
N ASP B 135 -24.93 7.39 5.75
CA ASP B 135 -24.41 7.71 7.11
C ASP B 135 -23.11 6.98 7.50
N TYR B 136 -23.02 5.68 7.22
CA TYR B 136 -21.90 4.82 7.65
C TYR B 136 -20.92 4.43 6.52
N LYS B 137 -20.99 5.12 5.38
CA LYS B 137 -20.21 4.74 4.19
C LYS B 137 -18.74 5.08 4.23
N THR B 138 -18.34 6.14 4.91
CA THR B 138 -16.94 6.52 4.95
C THR B 138 -16.12 5.49 5.77
N LEU B 139 -15.16 4.82 5.12
CA LEU B 139 -14.22 3.89 5.76
C LEU B 139 -13.38 4.60 6.80
N GLY B 140 -12.85 5.74 6.39
CA GLY B 140 -12.02 6.57 7.23
C GLY B 140 -11.24 7.58 6.41
N SER B 141 -10.22 8.15 7.06
CA SER B 141 -9.36 9.14 6.45
C SER B 141 -7.93 8.75 6.70
N ALA B 142 -7.05 9.13 5.79
CA ALA B 142 -5.61 8.92 5.95
C ALA B 142 -4.95 10.30 5.95
N TRP B 143 -4.15 10.57 6.98
CA TRP B 143 -3.37 11.81 7.12
C TRP B 143 -1.94 11.41 6.95
N VAL B 144 -1.41 11.65 5.74
CA VAL B 144 -0.07 11.25 5.33
C VAL B 144 0.85 12.46 5.37
N TYR B 145 1.98 12.31 6.08
CA TYR B 145 2.98 13.36 6.27
C TYR B 145 4.31 12.86 5.67
N ILE B 146 4.77 13.49 4.58
CA ILE B 146 5.99 13.11 3.86
C ILE B 146 7.12 14.09 4.10
N ASP B 147 8.34 13.57 4.27
CA ASP B 147 9.57 14.38 4.36
C ASP B 147 9.89 14.61 2.88
N ALA B 148 9.60 15.82 2.42
CA ALA B 148 9.80 16.20 1.02
C ALA B 148 11.26 16.15 0.58
N SER B 149 12.22 16.26 1.50
CA SER B 149 13.65 16.13 1.16
C SER B 149 14.05 14.70 0.70
N THR B 150 13.27 13.71 1.14
CA THR B 150 13.53 12.30 0.87
C THR B 150 12.65 11.67 -0.23
N MSE B 151 12.27 12.43 -1.27
CA MSE B 151 11.47 11.85 -2.38
C MSE B 151 12.36 10.89 -3.20
O MSE B 151 13.55 11.12 -3.33
CB MSE B 151 10.94 12.93 -3.34
CG MSE B 151 10.06 13.98 -2.74
SE MSE B 151 8.49 13.36 -1.83
CE MSE B 151 7.39 12.84 -3.35
N LYS B 152 11.75 9.84 -3.77
CA LYS B 152 12.44 8.82 -4.59
C LYS B 152 12.32 9.08 -6.13
N GLY B 153 12.07 10.33 -6.51
CA GLY B 153 11.96 10.74 -7.92
C GLY B 153 10.87 10.14 -8.81
N LYS B 154 9.75 9.77 -8.20
CA LYS B 154 8.60 9.24 -8.94
C LYS B 154 7.94 10.50 -9.46
N THR B 155 7.52 10.55 -10.74
CA THR B 155 6.88 11.75 -11.31
C THR B 155 5.51 11.97 -10.64
N ASP B 156 5.03 13.20 -10.68
CA ASP B 156 3.72 13.53 -10.09
C ASP B 156 2.60 12.59 -10.60
N GLU B 157 2.65 12.29 -11.90
CA GLU B 157 1.66 11.42 -12.57
C GLU B 157 1.73 10.04 -11.96
N GLU B 158 2.94 9.48 -11.88
CA GLU B 158 3.19 8.16 -11.27
C GLU B 158 2.72 8.10 -9.81
N GLU B 159 2.97 9.18 -9.07
CA GLU B 159 2.63 9.26 -7.65
C GLU B 159 1.11 9.25 -7.45
N TYR B 160 0.44 10.12 -8.19
CA TYR B 160 -1.03 10.25 -8.17
C TYR B 160 -1.71 8.94 -8.59
N GLN B 161 -1.24 8.35 -9.69
CA GLN B 161 -1.80 7.10 -10.19
C GLN B 161 -1.75 6.01 -9.13
N MSE B 162 -0.64 5.92 -8.38
CA MSE B 162 -0.50 4.94 -7.29
C MSE B 162 -1.53 5.15 -6.20
O MSE B 162 -2.10 4.18 -5.70
CB MSE B 162 0.89 4.94 -6.64
CG MSE B 162 1.97 4.28 -7.46
SE MSE B 162 3.63 4.13 -6.45
CE MSE B 162 3.74 5.92 -5.68
N TYR B 163 -1.78 6.41 -5.84
CA TYR B 163 -2.77 6.73 -4.79
C TYR B 163 -4.16 6.39 -5.26
N GLU B 164 -4.50 6.81 -6.48
CA GLU B 164 -5.79 6.47 -7.12
C GLU B 164 -6.05 4.95 -7.07
N GLU B 165 -5.01 4.15 -7.40
CA GLU B 165 -5.09 2.69 -7.39
C GLU B 165 -5.27 2.13 -5.99
N VAL B 166 -4.58 2.70 -4.99
CA VAL B 166 -4.75 2.25 -3.60
C VAL B 166 -6.20 2.49 -3.12
N TYR B 167 -6.66 3.73 -3.26
CA TYR B 167 -8.01 4.13 -2.85
C TYR B 167 -9.14 3.42 -3.59
N ARG B 168 -8.98 3.20 -4.89
CA ARG B 168 -10.03 2.50 -5.65
C ARG B 168 -9.99 0.96 -5.47
N ASP B 169 -8.83 0.37 -5.73
CA ASP B 169 -8.68 -1.09 -5.80
C ASP B 169 -8.32 -1.78 -4.50
N LYS B 170 -7.60 -1.10 -3.61
CA LYS B 170 -7.14 -1.69 -2.34
C LYS B 170 -8.03 -1.37 -1.14
N LEU B 171 -8.37 -0.11 -0.94
CA LEU B 171 -9.25 0.24 0.18
C LEU B 171 -10.71 -0.21 -0.11
N GLY B 172 -11.16 -0.06 -1.34
CA GLY B 172 -12.47 -0.57 -1.77
C GLY B 172 -13.71 0.16 -1.31
N GLY B 173 -13.59 1.43 -0.95
CA GLY B 173 -14.73 2.20 -0.47
C GLY B 173 -14.50 3.70 -0.40
N GLN B 174 -15.45 4.38 0.23
CA GLN B 174 -15.40 5.82 0.40
C GLN B 174 -14.33 6.12 1.46
N ALA B 175 -13.33 6.90 1.08
CA ALA B 175 -12.26 7.28 2.00
C ALA B 175 -11.61 8.60 1.56
N LEU B 176 -11.04 9.30 2.53
CA LEU B 176 -10.39 10.60 2.30
C LEU B 176 -8.88 10.43 2.38
N LEU B 177 -8.16 11.27 1.61
CA LEU B 177 -6.68 11.28 1.56
C LEU B 177 -6.17 12.69 1.73
N TYR B 178 -5.23 12.85 2.65
CA TYR B 178 -4.53 14.12 2.87
C TYR B 178 -3.04 13.78 2.79
N VAL B 179 -2.30 14.48 1.93
CA VAL B 179 -0.86 14.28 1.79
C VAL B 179 -0.16 15.61 2.00
N TYR B 180 0.60 15.70 3.09
CA TYR B 180 1.36 16.88 3.44
C TYR B 180 2.81 16.65 3.00
N TYR B 181 3.38 17.59 2.23
CA TYR B 181 4.78 17.55 1.78
C TYR B 181 5.58 18.54 2.63
N LEU B 182 6.03 18.05 3.78
CA LEU B 182 6.75 18.86 4.76
C LEU B 182 8.24 18.95 4.48
N ASP B 183 8.84 20.08 4.87
CA ASP B 183 10.28 20.25 4.77
C ASP B 183 10.88 19.37 5.88
N HIS B 184 12.15 19.01 5.73
CA HIS B 184 12.86 18.12 6.66
C HIS B 184 12.72 18.47 8.15
N LYS B 185 13.11 19.68 8.55
CA LYS B 185 13.02 20.09 9.97
C LYS B 185 11.57 20.06 10.48
N SER B 186 10.65 20.53 9.65
CA SER B 186 9.22 20.49 9.98
C SER B 186 8.72 19.05 10.16
N PHE B 187 9.12 18.16 9.26
CA PHE B 187 8.75 16.76 9.34
C PHE B 187 9.23 16.13 10.66
N GLU B 188 10.52 16.29 10.96
CA GLU B 188 11.12 15.73 12.17
C GLU B 188 10.42 16.14 13.47
N LYS B 189 9.95 17.39 13.54
CA LYS B 189 9.17 17.88 14.68
C LYS B 189 7.77 17.28 14.68
N ALA B 190 7.17 17.24 13.48
CA ALA B 190 5.86 16.64 13.27
C ALA B 190 5.79 15.20 13.77
N GLU B 191 6.76 14.40 13.32
CA GLU B 191 6.89 12.95 13.61
C GLU B 191 6.89 12.69 15.10
N LYS B 192 7.64 13.48 15.87
CA LYS B 192 7.69 13.32 17.34
C LYS B 192 6.34 13.48 18.03
N ILE B 193 5.46 14.32 17.45
CA ILE B 193 4.12 14.56 17.99
C ILE B 193 3.15 13.44 17.59
N LEU B 194 3.18 13.07 16.31
CA LEU B 194 2.35 11.98 15.77
C LEU B 194 2.56 10.61 16.45
N GLU B 195 3.77 10.37 16.95
CA GLU B 195 4.09 9.12 17.66
C GLU B 195 3.38 8.95 19.02
N ILE B 196 2.94 10.07 19.62
CA ILE B 196 2.34 10.06 20.97
C ILE B 196 0.92 10.65 21.10
N PHE B 197 0.31 11.07 19.99
CA PHE B 197 -1.06 11.61 20.00
C PHE B 197 -1.87 11.03 18.84
N THR B 198 -3.16 10.83 19.07
CA THR B 198 -4.08 10.28 18.07
C THR B 198 -4.59 11.41 17.15
N SER B 199 -5.17 11.00 16.02
CA SER B 199 -5.69 11.93 14.99
C SER B 199 -6.67 12.93 15.60
N GLY B 200 -6.39 14.23 15.43
CA GLY B 200 -7.18 15.30 16.02
C GLY B 200 -6.68 15.79 17.37
N ASP B 201 -5.97 14.96 18.13
CA ASP B 201 -5.40 15.32 19.45
C ASP B 201 -3.94 15.83 19.39
N GLU B 202 -3.46 16.24 18.22
CA GLU B 202 -2.04 16.65 18.05
C GLU B 202 -1.67 17.97 18.75
N GLY B 203 -2.61 18.90 18.85
CA GLY B 203 -2.40 20.15 19.57
C GLY B 203 -2.07 21.36 18.71
N SER B 204 -2.08 22.53 19.33
CA SER B 204 -1.82 23.79 18.62
C SER B 204 -0.38 23.89 18.06
N ASN B 205 0.61 23.39 18.82
CA ASN B 205 2.01 23.42 18.35
C ASN B 205 2.23 22.57 17.09
N PHE B 206 1.47 21.48 16.93
CA PHE B 206 1.48 20.69 15.69
C PHE B 206 0.96 21.53 14.52
N GLU B 207 -0.15 22.22 14.74
CA GLU B 207 -0.75 23.12 13.72
C GLU B 207 0.27 24.20 13.33
N ASP B 208 1.02 24.71 14.32
CA ASP B 208 2.10 25.71 14.08
C ASP B 208 3.25 25.16 13.21
N ILE B 209 3.60 23.89 13.37
CA ILE B 209 4.67 23.27 12.57
C ILE B 209 4.23 23.10 11.10
N ILE B 210 3.01 22.62 10.90
CA ILE B 210 2.39 22.38 9.58
C ILE B 210 1.95 23.64 8.84
N GLU B 211 1.69 24.75 9.54
CA GLU B 211 1.16 25.96 8.86
C GLU B 211 2.06 26.37 7.67
N GLY B 212 1.42 26.67 6.55
CA GLY B 212 2.09 27.05 5.33
C GLY B 212 2.57 25.91 4.45
N GLN B 213 2.74 24.71 5.02
CA GLN B 213 3.28 23.58 4.26
C GLN B 213 2.30 23.10 3.20
N PRO B 214 2.80 22.79 1.97
CA PRO B 214 1.90 22.36 0.89
C PRO B 214 1.27 21.00 1.15
N TYR B 215 -0.03 20.90 0.88
CA TYR B 215 -0.74 19.65 1.05
C TYR B 215 -1.89 19.47 0.05
N PHE B 216 -2.27 18.20 -0.12
CA PHE B 216 -3.32 17.81 -1.03
C PHE B 216 -4.37 17.05 -0.25
N GLY B 217 -5.62 17.52 -0.32
CA GLY B 217 -6.74 16.95 0.41
C GLY B 217 -7.85 16.60 -0.54
N THR B 218 -8.28 15.33 -0.53
CA THR B 218 -9.35 14.90 -1.41
C THR B 218 -10.10 13.71 -0.82
N ILE B 219 -11.10 13.25 -1.57
CA ILE B 219 -11.97 12.13 -1.22
C ILE B 219 -12.26 11.33 -2.49
N MSE B 220 -12.34 10.02 -2.32
CA MSE B 220 -12.84 9.14 -3.36
C MSE B 220 -14.16 8.73 -2.76
O MSE B 220 -14.21 8.05 -1.73
CB MSE B 220 -11.96 7.91 -3.61
CG MSE B 220 -12.57 7.02 -4.69
SE MSE B 220 -11.36 5.84 -5.49
CE MSE B 220 -10.19 7.06 -6.50
N ARG B 221 -15.24 9.15 -3.42
CA ARG B 221 -16.59 8.86 -2.93
C ARG B 221 -17.02 7.46 -3.27
N TYR B 222 -18.03 7.00 -2.55
CA TYR B 222 -18.58 5.67 -2.77
C TYR B 222 -19.06 5.56 -4.23
N GLY B 223 -18.70 4.46 -4.88
CA GLY B 223 -19.10 4.20 -6.27
C GLY B 223 -18.42 5.06 -7.33
N SER B 224 -17.33 5.72 -6.97
CA SER B 224 -16.57 6.57 -7.84
C SER B 224 -15.21 5.91 -7.97
N ASP B 225 -14.70 5.83 -9.19
CA ASP B 225 -13.38 5.24 -9.49
C ASP B 225 -12.26 6.31 -9.59
N LYS B 226 -12.56 7.56 -9.21
CA LYS B 226 -11.63 8.68 -9.23
C LYS B 226 -11.81 9.52 -7.97
N PHE B 227 -10.78 10.30 -7.66
CA PHE B 227 -10.83 11.24 -6.55
C PHE B 227 -11.65 12.44 -7.03
N ASP B 228 -12.18 13.23 -6.09
CA ASP B 228 -12.94 14.43 -6.46
C ASP B 228 -12.03 15.49 -7.09
N ASP B 229 -10.73 15.42 -6.78
CA ASP B 229 -9.72 16.36 -7.27
C ASP B 229 -8.72 15.65 -8.22
N ASN B 230 -8.70 16.10 -9.47
CA ASN B 230 -7.86 15.51 -10.52
C ASN B 230 -6.35 15.76 -10.40
N LEU B 231 -5.59 15.12 -11.28
CA LEU B 231 -4.11 15.27 -11.36
C LEU B 231 -3.62 16.71 -11.35
N GLU B 232 -4.32 17.59 -12.06
CA GLU B 232 -3.89 18.99 -12.19
C GLU B 232 -3.97 19.69 -10.83
N ILE B 233 -5.06 19.45 -10.10
CA ILE B 233 -5.26 19.99 -8.73
C ILE B 233 -4.20 19.45 -7.75
N PHE B 234 -3.80 18.20 -7.96
CA PHE B 234 -2.74 17.57 -7.17
C PHE B 234 -1.39 18.25 -7.39
N LYS B 235 -1.01 18.44 -8.66
CA LYS B 235 0.27 19.10 -9.01
C LYS B 235 0.34 20.53 -8.44
N ALA B 236 -0.75 21.27 -8.59
CA ALA B 236 -0.86 22.63 -8.07
C ALA B 236 -0.72 22.65 -6.54
N ALA B 237 -1.43 21.74 -5.88
CA ALA B 237 -1.38 21.63 -4.41
C ALA B 237 0.00 21.29 -3.89
N LYS B 238 0.65 20.35 -4.60
CA LYS B 238 2.00 19.87 -4.26
C LYS B 238 3.04 21.01 -4.35
N GLN B 239 2.82 22.00 -5.24
CA GLN B 239 3.63 23.23 -5.31
C GLN B 239 3.19 24.21 -4.19
N GLY B 240 1.87 24.37 -4.01
CA GLY B 240 1.24 25.22 -2.99
C GLY B 240 0.53 26.40 -3.63
N LYS B 241 -0.50 26.11 -4.45
CA LYS B 241 -1.18 27.13 -5.30
C LYS B 241 -2.73 27.17 -5.23
C1 GOL C . 5.53 -13.99 -20.77
O1 GOL C . 4.63 -13.45 -19.77
C2 GOL C . 5.34 -13.31 -22.13
O2 GOL C . 4.50 -12.17 -21.94
C3 GOL C . 6.68 -12.99 -22.83
O3 GOL C . 6.65 -11.77 -23.59
C1 GOL D . 11.42 6.91 -12.54
O1 GOL D . 10.29 7.18 -13.36
C2 GOL D . 11.01 6.23 -11.26
O2 GOL D . 10.85 4.83 -11.46
C3 GOL D . 12.07 6.42 -10.16
O3 GOL D . 11.37 6.62 -8.91
C1 GOL E . 3.16 3.66 9.11
O1 GOL E . 2.69 3.27 7.82
C2 GOL E . 4.64 4.13 9.21
O2 GOL E . 4.62 5.56 9.06
C3 GOL E . 5.47 3.68 10.45
O3 GOL E . 5.85 4.69 11.40
#